data_4WHI
#
_entry.id   4WHI
#
_cell.length_a   35.305
_cell.length_b   49.839
_cell.length_c   59.345
_cell.angle_alpha   90.000
_cell.angle_beta   90.000
_cell.angle_gamma   90.000
#
_symmetry.space_group_name_H-M   'P 21 21 21'
#
loop_
_entity.id
_entity.type
_entity.pdbx_description
1 polymer Beta-lactamase
2 non-polymer 'BROMIDE ION'
3 non-polymer 'NICKEL (II) ION'
4 water water
#
_entity_poly.entity_id   1
_entity_poly.type   'polypeptide(L)'
_entity_poly.pdbx_seq_one_letter_code
;SNAVGKQSPANPAPSRPLNDYVGVYANDYWGPATVTYHDGQLRLSLGPKNQTFDLTHWDGDTFTFTLSTENALPGSISKA
TFAGDTLNLEYYDADKLGTFTR
;
_entity_poly.pdbx_strand_id   A
#
loop_
_chem_comp.id
_chem_comp.type
_chem_comp.name
_chem_comp.formula
BR non-polymer 'BROMIDE ION' 'Br -1'
NI non-polymer 'NICKEL (II) ION' 'Ni 2'
#
# COMPACT_ATOMS: atom_id res chain seq x y z
N SER A 1 -26.48 12.22 -4.11
CA SER A 1 -25.29 11.40 -3.76
C SER A 1 -24.61 10.78 -4.99
N ASN A 2 -23.32 10.46 -4.87
CA ASN A 2 -22.62 9.78 -5.96
C ASN A 2 -23.31 8.49 -6.38
N ALA A 3 -23.27 8.21 -7.68
CA ALA A 3 -23.68 6.91 -8.20
C ALA A 3 -22.74 5.83 -7.67
N VAL A 4 -23.23 4.59 -7.64
CA VAL A 4 -22.42 3.47 -7.14
C VAL A 4 -21.98 2.53 -8.27
N GLY A 5 -20.77 1.99 -8.13
CA GLY A 5 -20.13 1.21 -9.20
C GLY A 5 -19.46 -0.09 -8.77
N LYS A 6 -19.54 -0.43 -7.49
CA LYS A 6 -18.93 -1.67 -6.96
C LYS A 6 -17.43 -1.79 -7.24
N GLN A 7 -16.70 -0.69 -7.11
CA GLN A 7 -15.25 -0.74 -7.39
C GLN A 7 -14.38 -1.04 -6.15
N SER A 8 -15.01 -1.34 -5.01
CA SER A 8 -14.34 -1.82 -3.80
C SER A 8 -14.97 -3.15 -3.40
N PRO A 9 -14.22 -4.03 -2.72
CA PRO A 9 -14.87 -5.27 -2.27
C PRO A 9 -15.95 -5.02 -1.22
N ALA A 10 -17.13 -5.60 -1.44
CA ALA A 10 -18.30 -5.37 -0.56
C ALA A 10 -18.22 -6.10 0.76
N ASN A 11 -17.76 -7.35 0.68
CA ASN A 11 -17.72 -8.28 1.79
C ASN A 11 -16.27 -8.62 2.11
N PRO A 12 -15.42 -7.62 2.42
CA PRO A 12 -14.03 -8.00 2.56
C PRO A 12 -13.74 -8.70 3.87
N ALA A 13 -12.73 -9.56 3.87
CA ALA A 13 -12.17 -10.10 5.10
C ALA A 13 -11.49 -8.95 5.86
N PRO A 14 -11.59 -8.94 7.20
CA PRO A 14 -10.97 -7.86 7.99
C PRO A 14 -9.45 -7.93 7.94
N SER A 15 -8.81 -6.79 8.20
CA SER A 15 -7.37 -6.75 8.37
C SER A 15 -6.98 -7.34 9.73
N ARG A 16 -5.72 -7.70 9.85
CA ARG A 16 -5.09 -7.96 11.15
C ARG A 16 -5.05 -6.66 11.95
N PRO A 17 -4.81 -6.74 13.27
CA PRO A 17 -4.50 -5.52 14.05
C PRO A 17 -3.44 -4.72 13.30
N LEU A 18 -3.61 -3.41 13.20
CA LEU A 18 -2.79 -2.62 12.27
C LEU A 18 -1.30 -2.62 12.63
N ASN A 19 -0.96 -2.79 13.90
CA ASN A 19 0.44 -2.89 14.29
C ASN A 19 1.19 -3.98 13.52
N ASP A 20 0.49 -5.03 13.13
CA ASP A 20 1.13 -6.16 12.45
C ASP A 20 1.80 -5.77 11.13
N TYR A 21 1.28 -4.74 10.48
CA TYR A 21 1.79 -4.30 9.18
C TYR A 21 2.95 -3.32 9.25
N VAL A 22 3.13 -2.70 10.40
CA VAL A 22 4.12 -1.63 10.57
C VAL A 22 5.55 -2.17 10.46
N GLY A 23 6.41 -1.42 9.80
CA GLY A 23 7.81 -1.78 9.67
C GLY A 23 8.49 -1.21 8.44
N VAL A 24 9.78 -1.51 8.31
CA VAL A 24 10.58 -1.08 7.19
C VAL A 24 10.87 -2.30 6.35
N TYR A 25 10.32 -2.30 5.13
CA TYR A 25 10.43 -3.41 4.22
C TYR A 25 11.51 -3.10 3.18
N ALA A 26 12.61 -3.84 3.24
CA ALA A 26 13.79 -3.56 2.43
C ALA A 26 13.63 -3.98 0.98
N ASN A 27 14.34 -3.25 0.11
CA ASN A 27 14.45 -3.57 -1.30
C ASN A 27 15.65 -2.81 -1.87
N ASP A 28 16.62 -3.53 -2.43
CA ASP A 28 17.87 -2.95 -2.96
C ASP A 28 17.62 -2.01 -4.15
N TYR A 29 16.61 -2.32 -4.95
CA TYR A 29 16.36 -1.63 -6.20
C TYR A 29 15.57 -0.33 -6.00
N TRP A 30 14.45 -0.43 -5.28
CA TRP A 30 13.57 0.71 -5.04
C TRP A 30 13.84 1.44 -3.72
N GLY A 31 14.71 0.86 -2.89
CA GLY A 31 14.89 1.36 -1.53
C GLY A 31 13.76 0.87 -0.65
N PRO A 32 13.84 1.18 0.65
CA PRO A 32 12.84 0.61 1.56
C PRO A 32 11.44 1.19 1.42
N ALA A 33 10.44 0.38 1.71
CA ALA A 33 9.07 0.86 1.86
C ALA A 33 8.81 0.90 3.35
N THR A 34 8.52 2.09 3.86
CA THR A 34 8.35 2.29 5.29
C THR A 34 6.87 2.43 5.61
N VAL A 35 6.36 1.53 6.46
CA VAL A 35 4.96 1.51 6.84
C VAL A 35 4.87 1.96 8.30
N THR A 36 4.10 3.02 8.53
CA THR A 36 3.95 3.60 9.85
C THR A 36 2.46 3.77 10.17
N TYR A 37 2.17 3.97 11.45
CA TYR A 37 0.80 4.09 11.93
C TYR A 37 0.64 5.43 12.63
N HIS A 38 -0.44 6.13 12.33
CA HIS A 38 -0.75 7.38 13.03
C HIS A 38 -2.25 7.56 13.18
N ASP A 39 -2.72 7.65 14.43
CA ASP A 39 -4.13 7.97 14.70
C ASP A 39 -5.11 7.15 13.86
N GLY A 40 -4.93 5.84 13.85
CA GLY A 40 -5.82 4.93 13.14
C GLY A 40 -5.50 4.67 11.67
N GLN A 41 -4.46 5.31 11.15
CA GLN A 41 -4.15 5.30 9.71
C GLN A 41 -2.81 4.63 9.48
N LEU A 42 -2.77 3.63 8.58
CA LEU A 42 -1.52 3.14 8.06
C LEU A 42 -1.08 4.05 6.90
N ARG A 43 0.22 4.33 6.85
CA ARG A 43 0.81 5.12 5.77
C ARG A 43 2.00 4.36 5.18
N LEU A 44 2.19 4.56 3.88
CA LEU A 44 3.31 3.98 3.13
C LEU A 44 4.20 5.12 2.64
N SER A 45 5.48 5.09 3.03
CA SER A 45 6.47 6.08 2.58
C SER A 45 7.51 5.43 1.66
N LEU A 46 7.77 6.05 0.52
CA LEU A 46 8.71 5.54 -0.47
C LEU A 46 9.69 6.62 -0.92
N GLY A 47 10.93 6.22 -1.17
CA GLY A 47 11.93 7.10 -1.76
C GLY A 47 12.67 7.95 -0.74
N PRO A 48 13.79 8.55 -1.15
CA PRO A 48 14.60 9.40 -0.26
C PRO A 48 13.86 10.63 0.29
N LYS A 49 12.85 11.11 -0.44
CA LYS A 49 12.06 12.28 -0.03
C LYS A 49 10.78 11.90 0.75
N ASN A 50 10.64 10.64 1.12
CA ASN A 50 9.49 10.18 1.92
C ASN A 50 8.16 10.53 1.30
N GLN A 51 8.01 10.29 0.01
CA GLN A 51 6.71 10.43 -0.62
C GLN A 51 5.77 9.46 0.08
N THR A 52 4.66 9.98 0.62
CA THR A 52 3.83 9.21 1.54
C THR A 52 2.37 9.12 1.11
N PHE A 53 1.81 7.92 1.28
CA PHE A 53 0.47 7.59 0.85
C PHE A 53 -0.32 6.99 2.01
N ASP A 54 -1.56 7.42 2.19
CA ASP A 54 -2.48 6.73 3.10
C ASP A 54 -2.82 5.37 2.51
N LEU A 55 -2.78 4.33 3.33
CA LEU A 55 -3.21 3.00 2.93
C LEU A 55 -4.65 2.79 3.37
N THR A 56 -5.50 2.49 2.41
CA THR A 56 -6.90 2.22 2.70
C THR A 56 -7.14 0.72 2.58
N HIS A 57 -7.79 0.14 3.57
CA HIS A 57 -8.06 -1.29 3.53
C HIS A 57 -8.88 -1.68 2.30
N TRP A 58 -8.49 -2.78 1.67
CA TRP A 58 -9.16 -3.33 0.50
C TRP A 58 -9.85 -4.66 0.85
N ASP A 59 -9.06 -5.67 1.22
CA ASP A 59 -9.61 -7.00 1.54
C ASP A 59 -8.50 -7.81 2.19
N GLY A 60 -8.77 -8.34 3.38
CA GLY A 60 -7.81 -9.21 4.06
C GLY A 60 -6.56 -8.42 4.39
N ASP A 61 -5.42 -8.88 3.91
CA ASP A 61 -4.14 -8.22 4.15
C ASP A 61 -3.74 -7.29 2.99
N THR A 62 -4.69 -6.99 2.11
CA THR A 62 -4.44 -6.11 0.99
C THR A 62 -5.04 -4.73 1.26
N PHE A 63 -4.24 -3.70 1.01
CA PHE A 63 -4.63 -2.31 1.11
C PHE A 63 -4.42 -1.65 -0.25
N THR A 64 -4.92 -0.44 -0.41
CA THR A 64 -4.63 0.34 -1.61
C THR A 64 -4.16 1.74 -1.25
N PHE A 65 -3.48 2.35 -2.21
CA PHE A 65 -3.20 3.77 -2.14
C PHE A 65 -3.52 4.41 -3.49
N THR A 66 -3.66 5.73 -3.48
CA THR A 66 -3.99 6.49 -4.68
C THR A 66 -2.76 7.28 -5.12
N LEU A 67 -2.47 7.25 -6.42
CA LEU A 67 -1.25 7.83 -6.95
C LEU A 67 -1.29 9.35 -6.88
N SER A 68 -0.11 9.95 -6.80
CA SER A 68 0.03 11.39 -6.58
C SER A 68 -0.20 12.18 -7.86
N THR A 69 -0.31 13.49 -7.71
CA THR A 69 -0.51 14.40 -8.83
C THR A 69 0.71 14.49 -9.77
N GLU A 70 1.87 14.01 -9.31
CA GLU A 70 3.08 13.89 -10.13
C GLU A 70 3.02 12.71 -11.10
N ASN A 71 2.09 11.77 -10.86
CA ASN A 71 1.97 10.58 -11.68
C ASN A 71 1.26 10.86 -12.99
N ALA A 72 1.52 10.01 -13.99
CA ALA A 72 0.77 10.04 -15.24
C ALA A 72 -0.71 9.82 -14.96
N LEU A 73 -1.02 9.04 -13.92
CA LEU A 73 -2.39 8.68 -13.58
C LEU A 73 -2.71 8.98 -12.11
N PRO A 74 -2.80 10.27 -11.75
CA PRO A 74 -3.13 10.58 -10.36
C PRO A 74 -4.50 10.04 -9.98
N GLY A 75 -4.61 9.59 -8.73
CA GLY A 75 -5.87 9.08 -8.21
C GLY A 75 -6.18 7.66 -8.60
N SER A 76 -5.38 7.05 -9.46
CA SER A 76 -5.56 5.64 -9.76
C SER A 76 -5.19 4.82 -8.51
N ILE A 77 -5.87 3.70 -8.35
CA ILE A 77 -5.77 2.85 -7.17
C ILE A 77 -4.71 1.79 -7.42
N SER A 78 -3.81 1.63 -6.44
CA SER A 78 -2.68 0.71 -6.57
C SER A 78 -2.66 -0.19 -5.33
N LYS A 79 -2.44 -1.49 -5.54
CA LYS A 79 -2.47 -2.47 -4.43
C LYS A 79 -1.16 -2.62 -3.67
N ALA A 80 -1.31 -2.76 -2.36
CA ALA A 80 -0.24 -3.07 -1.43
C ALA A 80 -0.64 -4.30 -0.64
N THR A 81 0.00 -5.43 -0.93
CA THR A 81 -0.39 -6.72 -0.37
C THR A 81 0.65 -7.19 0.63
N PHE A 82 0.23 -7.34 1.88
CA PHE A 82 1.11 -7.81 2.94
C PHE A 82 0.97 -9.32 3.10
N ALA A 83 2.10 -10.01 3.24
CA ALA A 83 2.09 -11.44 3.54
C ALA A 83 3.32 -11.77 4.36
N GLY A 84 3.12 -11.99 5.67
CA GLY A 84 4.20 -12.26 6.59
C GLY A 84 5.15 -11.09 6.71
N ASP A 85 6.41 -11.30 6.36
CA ASP A 85 7.40 -10.24 6.39
C ASP A 85 7.59 -9.58 5.01
N THR A 86 6.68 -9.83 4.07
CA THR A 86 6.78 -9.25 2.74
C THR A 86 5.63 -8.28 2.46
N LEU A 87 5.96 -7.25 1.68
CA LEU A 87 4.99 -6.32 1.13
C LEU A 87 5.20 -6.30 -0.37
N ASN A 88 4.16 -6.59 -1.13
CA ASN A 88 4.21 -6.51 -2.58
C ASN A 88 3.44 -5.30 -3.04
N LEU A 89 4.12 -4.42 -3.76
CA LEU A 89 3.52 -3.23 -4.34
C LEU A 89 3.42 -3.43 -5.85
N GLU A 90 2.19 -3.62 -6.32
CA GLU A 90 1.99 -3.91 -7.74
C GLU A 90 2.56 -2.83 -8.66
N TYR A 91 2.51 -1.57 -8.21
CA TYR A 91 3.06 -0.46 -9.00
C TYR A 91 4.52 -0.68 -9.40
N TYR A 92 5.27 -1.33 -8.50
CA TYR A 92 6.72 -1.49 -8.66
C TYR A 92 7.13 -2.90 -9.08
N ASP A 93 6.18 -3.73 -9.48
CA ASP A 93 6.44 -5.15 -9.66
C ASP A 93 6.44 -5.61 -11.12
N ALA A 94 6.57 -4.67 -12.06
CA ALA A 94 6.50 -4.99 -13.49
C ALA A 94 7.60 -5.98 -13.92
N ASP A 95 8.78 -5.84 -13.33
CA ASP A 95 9.90 -6.76 -13.57
C ASP A 95 10.15 -7.69 -12.38
N LYS A 96 9.10 -7.90 -11.57
CA LYS A 96 9.14 -8.76 -10.37
C LYS A 96 10.14 -8.29 -9.30
N LEU A 97 10.41 -6.99 -9.27
CA LEU A 97 11.27 -6.39 -8.25
C LEU A 97 10.43 -5.60 -7.23
N GLY A 98 9.14 -5.91 -7.14
CA GLY A 98 8.19 -5.14 -6.33
C GLY A 98 7.84 -5.77 -4.99
N THR A 99 8.64 -6.73 -4.54
CA THR A 99 8.49 -7.27 -3.21
C THR A 99 9.52 -6.64 -2.28
N PHE A 100 9.03 -6.20 -1.12
CA PHE A 100 9.83 -5.53 -0.12
C PHE A 100 9.74 -6.40 1.13
N THR A 101 10.87 -6.60 1.82
CA THR A 101 10.95 -7.57 2.92
C THR A 101 11.49 -6.95 4.21
N ARG A 102 10.74 -7.09 5.30
CA ARG A 102 11.16 -6.52 6.58
C ARG A 102 11.95 -7.52 7.39
BR BR B . -2.24 10.25 9.34
BR BR C . 12.76 9.39 7.73
BR BR D . 10.95 -3.18 10.80
BR BR E . 2.89 8.68 -7.51
BR BR F . -2.63 10.02 0.26
BR BR G . -0.55 0.15 -10.15
BR BR H . -18.07 2.70 -6.39
BR BR I . -4.42 -10.59 1.05
BR BR J . -8.54 -1.68 8.48
BR BR K . -8.38 3.16 -10.56
BR BR L . 16.60 -1.31 1.57
BR BR M . 16.35 -1.01 4.68
BR BR N . -16.55 -8.99 -1.48
BR BR O . -19.00 -12.76 0.39
BR BR P . 11.35 10.38 -3.45
BR BR Q . -9.40 1.96 5.75
NI NI R . -27.30 11.24 -6.15
#